data_5Y8G
#
_entry.id   5Y8G
#
_cell.length_a   128.790
_cell.length_b   128.790
_cell.length_c   70.350
_cell.angle_alpha   90.00
_cell.angle_beta   90.00
_cell.angle_gamma   120.00
#
_symmetry.space_group_name_H-M   'P 65'
#
loop_
_entity.id
_entity.type
_entity.pdbx_description
1 polymer 'Probable 3-hydroxyisobutyrate dehydrogenase'
2 non-polymer 'ACRYLIC ACID'
3 non-polymer GLYCEROL
4 non-polymer '(2~{S})-2-methylpentanedioic acid'
5 water water
#
_entity_poly.entity_id   1
_entity_poly.type   'polypeptide(L)'
_entity_poly.pdbx_seq_one_letter_code
;MMTTIAFLGLGNMGAPMSANLVGAGHVVRGFDPAPTAASGAAAHGVAVFRSAPEAVAEADVVITMLPTGEVVRRCYTDVL
AAARPATLFIDSSTISVTDAREVHALAESHGMLQLDAPVSGGVKGAAAATLAFMVGGDESTLRRARPVLEPMAGKIIHCG
AAGAGQAAKVCNNMVLAVQQIAIAEAFVLAEKLGLSAQSLFDVITGATGNCWAVHTNCPVPGPVPTSPANNDFKPGFSTA
LMNKDLGLAMDAVAATGATAPLGSHAADIYAKFAADHADLDFSAVIHTLRARADA
;
_entity_poly.pdbx_strand_id   A,B
#
loop_
_chem_comp.id
_chem_comp.type
_chem_comp.name
_chem_comp.formula
9ON non-polymer '(2~{S})-2-methylpentanedioic acid' 'C6 H10 O4'
AKR non-polymer 'ACRYLIC ACID' 'C3 H4 O2'
GOL non-polymer GLYCEROL 'C3 H8 O3'
#
# COMPACT_ATOMS: atom_id res chain seq x y z
N THR A 3 1.46 42.36 -0.30
CA THR A 3 1.45 41.56 -1.55
C THR A 3 0.07 41.51 -2.22
N THR A 4 0.06 41.85 -3.49
CA THR A 4 -1.13 41.78 -4.32
C THR A 4 -1.10 40.50 -5.14
N ILE A 5 -2.17 39.72 -5.07
CA ILE A 5 -2.26 38.39 -5.69
C ILE A 5 -3.43 38.36 -6.65
N ALA A 6 -3.19 37.96 -7.89
CA ALA A 6 -4.28 37.72 -8.88
C ALA A 6 -4.58 36.23 -8.84
N PHE A 7 -5.85 35.88 -8.59
CA PHE A 7 -6.27 34.51 -8.48
C PHE A 7 -7.22 34.16 -9.65
N LEU A 8 -6.72 33.36 -10.57
CA LEU A 8 -7.37 33.06 -11.82
C LEU A 8 -7.91 31.63 -11.73
N GLY A 9 -9.22 31.52 -11.54
CA GLY A 9 -9.90 30.28 -11.22
C GLY A 9 -10.39 30.27 -9.78
N LEU A 10 -11.67 30.56 -9.60
CA LEU A 10 -12.26 30.73 -8.29
C LEU A 10 -13.34 29.70 -8.06
N GLY A 11 -13.13 28.50 -8.59
CA GLY A 11 -13.99 27.35 -8.37
C GLY A 11 -13.95 26.76 -6.97
N ASN A 12 -14.36 25.49 -6.86
CA ASN A 12 -14.53 24.81 -5.59
C ASN A 12 -13.22 24.80 -4.74
N MET A 13 -12.05 24.79 -5.39
CA MET A 13 -10.77 24.92 -4.67
C MET A 13 -10.32 26.38 -4.58
N GLY A 14 -10.41 27.10 -5.70
CA GLY A 14 -9.91 28.47 -5.84
C GLY A 14 -10.58 29.46 -4.89
N ALA A 15 -11.91 29.34 -4.76
CA ALA A 15 -12.71 30.21 -3.90
C ALA A 15 -12.20 30.11 -2.41
N PRO A 16 -12.11 28.91 -1.83
CA PRO A 16 -11.67 28.93 -0.44
C PRO A 16 -10.18 29.30 -0.25
N MET A 17 -9.34 28.97 -1.24
CA MET A 17 -7.93 29.35 -1.16
C MET A 17 -7.81 30.83 -1.13
N SER A 18 -8.53 31.49 -2.03
CA SER A 18 -8.43 32.91 -2.12
C SER A 18 -8.95 33.56 -0.84
N ALA A 19 -10.01 33.01 -0.25
CA ALA A 19 -10.49 33.53 1.05
C ALA A 19 -9.43 33.44 2.14
N ASN A 20 -8.62 32.36 2.18
CA ASN A 20 -7.54 32.28 3.14
C ASN A 20 -6.46 33.34 2.91
N LEU A 21 -6.15 33.62 1.64
CA LEU A 21 -5.27 34.74 1.33
C LEU A 21 -5.77 36.12 1.80
N VAL A 22 -7.04 36.39 1.62
CA VAL A 22 -7.62 37.61 2.09
C VAL A 22 -7.48 37.67 3.60
N GLY A 23 -7.82 36.55 4.22
CA GLY A 23 -7.75 36.42 5.63
C GLY A 23 -6.33 36.55 6.21
N ALA A 24 -5.33 36.37 5.38
CA ALA A 24 -3.95 36.56 5.86
C ALA A 24 -3.42 37.95 5.50
N GLY A 25 -4.23 38.90 5.07
CA GLY A 25 -3.72 40.24 4.84
C GLY A 25 -3.29 40.56 3.42
N HIS A 26 -3.54 39.67 2.45
CA HIS A 26 -3.21 39.98 1.06
C HIS A 26 -4.29 40.71 0.35
N VAL A 27 -3.91 41.46 -0.68
CA VAL A 27 -4.86 42.10 -1.58
C VAL A 27 -5.08 41.11 -2.71
N VAL A 28 -6.30 40.64 -2.87
CA VAL A 28 -6.60 39.58 -3.81
C VAL A 28 -7.50 40.12 -4.89
N ARG A 29 -7.08 39.92 -6.14
CA ARG A 29 -7.79 40.28 -7.36
C ARG A 29 -8.09 38.97 -8.06
N GLY A 30 -9.18 38.88 -8.76
CA GLY A 30 -9.76 37.59 -9.13
C GLY A 30 -10.38 37.62 -10.51
N PHE A 31 -10.47 36.45 -11.11
CA PHE A 31 -11.20 36.25 -12.35
C PHE A 31 -11.71 34.85 -12.41
N ASP A 32 -12.97 34.71 -12.81
CA ASP A 32 -13.56 33.41 -13.10
C ASP A 32 -14.63 33.61 -14.13
N PRO A 33 -14.73 32.70 -15.06
CA PRO A 33 -15.79 32.89 -16.06
C PRO A 33 -17.22 32.53 -15.59
N ALA A 34 -17.37 31.90 -14.43
CA ALA A 34 -18.70 31.63 -13.87
C ALA A 34 -19.09 32.76 -12.91
N PRO A 35 -20.15 33.51 -13.21
CA PRO A 35 -20.56 34.58 -12.30
C PRO A 35 -20.86 34.14 -10.88
N THR A 36 -21.45 32.99 -10.69
CA THR A 36 -21.71 32.50 -9.35
C THR A 36 -20.36 32.30 -8.57
N ALA A 37 -19.32 31.83 -9.26
CA ALA A 37 -18.03 31.67 -8.60
C ALA A 37 -17.42 33.02 -8.30
N ALA A 38 -17.48 33.95 -9.24
CA ALA A 38 -16.90 35.30 -9.05
C ALA A 38 -17.60 36.07 -7.87
N SER A 39 -18.95 35.95 -7.81
CA SER A 39 -19.77 36.59 -6.79
C SER A 39 -19.47 36.08 -5.43
N GLY A 40 -19.42 34.76 -5.30
CA GLY A 40 -19.03 34.13 -4.06
C GLY A 40 -17.70 34.68 -3.59
N ALA A 41 -16.73 34.81 -4.51
CA ALA A 41 -15.40 35.25 -4.13
C ALA A 41 -15.35 36.76 -3.75
N ALA A 42 -16.10 37.60 -4.46
CA ALA A 42 -16.19 39.01 -4.13
C ALA A 42 -16.84 39.18 -2.76
N ALA A 43 -17.68 38.23 -2.38
CA ALA A 43 -18.33 38.26 -1.10
C ALA A 43 -17.34 38.03 0.02
N HIS A 44 -16.20 37.38 -0.25
CA HIS A 44 -15.18 37.28 0.77
C HIS A 44 -13.99 38.18 0.57
N GLY A 45 -14.10 39.19 -0.28
CA GLY A 45 -13.08 40.25 -0.35
C GLY A 45 -12.18 40.30 -1.53
N VAL A 46 -12.43 39.41 -2.48
CA VAL A 46 -11.66 39.41 -3.70
C VAL A 46 -12.24 40.51 -4.58
N ALA A 47 -11.39 41.34 -5.17
CA ALA A 47 -11.82 42.28 -6.19
C ALA A 47 -11.81 41.50 -7.53
N VAL A 48 -13.00 41.30 -8.09
CA VAL A 48 -13.14 40.45 -9.26
C VAL A 48 -13.18 41.34 -10.48
N PHE A 49 -12.56 40.88 -11.55
CA PHE A 49 -12.48 41.66 -12.79
C PHE A 49 -13.13 40.90 -13.91
N ARG A 50 -13.43 41.59 -15.00
CA ARG A 50 -14.13 41.02 -16.16
C ARG A 50 -13.18 40.12 -16.96
N SER A 51 -11.88 40.32 -16.90
CA SER A 51 -10.98 39.47 -17.65
C SER A 51 -9.73 39.18 -16.86
N ALA A 52 -9.06 38.12 -17.25
CA ALA A 52 -7.86 37.74 -16.53
C ALA A 52 -6.72 38.76 -16.68
N PRO A 53 -6.48 39.33 -17.90
CA PRO A 53 -5.45 40.32 -18.01
C PRO A 53 -5.65 41.50 -17.06
N GLU A 54 -6.88 41.90 -16.84
CA GLU A 54 -7.15 42.98 -15.92
C GLU A 54 -6.80 42.59 -14.49
N ALA A 55 -7.19 41.40 -14.08
CA ALA A 55 -6.85 40.92 -12.75
C ALA A 55 -5.35 40.92 -12.49
N VAL A 56 -4.56 40.53 -13.49
CA VAL A 56 -3.11 40.43 -13.40
C VAL A 56 -2.37 41.77 -13.35
N ALA A 57 -2.98 42.82 -13.93
CA ALA A 57 -2.35 44.15 -14.11
C ALA A 57 -1.49 44.64 -12.93
N GLU A 58 -2.03 44.55 -11.72
CA GLU A 58 -1.30 45.10 -10.55
C GLU A 58 -0.69 44.06 -9.59
N ALA A 59 -0.51 42.84 -10.07
CA ALA A 59 -0.27 41.74 -9.15
C ALA A 59 1.21 41.50 -8.98
N ASP A 60 1.64 41.18 -7.78
CA ASP A 60 3.00 40.62 -7.56
C ASP A 60 3.08 39.08 -7.76
N VAL A 61 1.94 38.43 -7.55
CA VAL A 61 1.85 36.97 -7.66
C VAL A 61 0.60 36.65 -8.44
N VAL A 62 0.68 35.71 -9.35
CA VAL A 62 -0.47 35.23 -10.07
C VAL A 62 -0.61 33.75 -9.81
N ILE A 63 -1.76 33.35 -9.28
CA ILE A 63 -2.07 31.95 -9.01
C ILE A 63 -3.12 31.48 -10.00
N THR A 64 -2.88 30.32 -10.61
CA THR A 64 -3.91 29.65 -11.41
C THR A 64 -4.42 28.41 -10.75
N MET A 65 -5.73 28.21 -10.84
CA MET A 65 -6.38 27.00 -10.39
C MET A 65 -7.42 26.67 -11.44
N LEU A 66 -7.02 25.93 -12.46
CA LEU A 66 -7.81 25.75 -13.68
C LEU A 66 -7.89 24.29 -14.11
N PRO A 67 -8.87 23.90 -14.94
CA PRO A 67 -9.15 22.46 -15.09
C PRO A 67 -8.25 21.65 -15.98
N THR A 68 -7.58 22.27 -16.94
CA THR A 68 -6.74 21.49 -17.87
C THR A 68 -5.51 22.26 -18.28
N GLY A 69 -4.52 21.54 -18.81
CA GLY A 69 -3.27 22.16 -19.27
C GLY A 69 -3.50 23.14 -20.42
N GLU A 70 -4.46 22.78 -21.28
CA GLU A 70 -4.84 23.65 -22.37
C GLU A 70 -5.38 25.02 -21.88
N VAL A 71 -6.24 25.00 -20.88
CA VAL A 71 -6.78 26.24 -20.30
C VAL A 71 -5.67 27.00 -19.57
N VAL A 72 -4.79 26.28 -18.83
CA VAL A 72 -3.72 26.97 -18.15
C VAL A 72 -2.86 27.65 -19.21
N ARG A 73 -2.45 26.94 -20.24
CA ARG A 73 -1.62 27.56 -21.28
C ARG A 73 -2.27 28.77 -21.92
N ARG A 74 -3.55 28.68 -22.25
CA ARG A 74 -4.24 29.81 -22.94
C ARG A 74 -4.34 31.00 -21.94
N CYS A 75 -4.44 30.71 -20.64
CA CYS A 75 -4.48 31.78 -19.64
C CYS A 75 -3.10 32.48 -19.56
N TYR A 76 -2.02 31.70 -19.53
CA TYR A 76 -0.68 32.27 -19.60
C TYR A 76 -0.45 33.19 -20.81
N THR A 77 -0.72 32.71 -22.00
CA THR A 77 -0.57 33.57 -23.21
C THR A 77 -1.57 34.77 -23.22
N ASP A 78 -2.74 34.61 -22.64
CA ASP A 78 -3.61 35.74 -22.44
C ASP A 78 -3.06 36.79 -21.47
N VAL A 79 -2.40 36.39 -20.38
CA VAL A 79 -2.01 37.36 -19.37
C VAL A 79 -0.53 37.80 -19.24
N LEU A 80 0.40 37.06 -19.83
CA LEU A 80 1.79 37.28 -19.56
C LEU A 80 2.26 38.72 -19.95
N ALA A 81 1.82 39.24 -21.07
CA ALA A 81 2.13 40.60 -21.50
C ALA A 81 1.55 41.69 -20.56
N ALA A 82 0.48 41.40 -19.86
CA ALA A 82 -0.11 42.31 -18.87
C ALA A 82 0.62 42.25 -17.53
N ALA A 83 1.34 41.19 -17.23
CA ALA A 83 1.98 41.14 -15.98
C ALA A 83 3.20 42.07 -15.90
N ARG A 84 3.52 42.56 -14.73
CA ARG A 84 4.78 43.23 -14.52
C ARG A 84 5.97 42.31 -14.49
N PRO A 85 7.15 42.85 -14.72
CA PRO A 85 8.28 41.94 -14.82
C PRO A 85 8.63 41.37 -13.47
N ALA A 86 9.17 40.18 -13.49
CA ALA A 86 9.45 39.41 -12.29
C ALA A 86 8.20 39.14 -11.41
N THR A 87 7.02 39.19 -11.99
CA THR A 87 5.86 38.67 -11.31
C THR A 87 6.08 37.17 -11.03
N LEU A 88 5.62 36.70 -9.87
CA LEU A 88 5.71 35.30 -9.55
C LEU A 88 4.39 34.53 -9.91
N PHE A 89 4.48 33.56 -10.82
CA PHE A 89 3.36 32.78 -11.28
C PHE A 89 3.41 31.45 -10.55
N ILE A 90 2.31 31.08 -9.95
CA ILE A 90 2.19 29.79 -9.29
C ILE A 90 1.02 29.07 -9.91
N ASP A 91 1.29 27.97 -10.58
CA ASP A 91 0.20 27.13 -11.06
C ASP A 91 -0.14 25.98 -10.14
N SER A 92 -1.31 26.04 -9.51
CA SER A 92 -1.73 25.01 -8.58
C SER A 92 -2.73 24.03 -9.17
N SER A 93 -3.01 24.21 -10.45
CA SER A 93 -3.84 23.29 -11.24
C SER A 93 -3.15 21.90 -11.22
N THR A 94 -3.91 20.84 -11.45
CA THR A 94 -3.36 19.51 -11.69
C THR A 94 -3.44 19.21 -13.18
N ILE A 95 -2.27 19.24 -13.79
CA ILE A 95 -2.08 19.09 -15.24
C ILE A 95 -0.90 18.18 -15.51
N SER A 96 -0.73 17.77 -16.76
CA SER A 96 0.39 16.90 -17.06
C SER A 96 1.73 17.55 -16.81
N VAL A 97 2.73 16.69 -16.66
CA VAL A 97 4.11 17.11 -16.47
C VAL A 97 4.55 17.90 -17.68
N THR A 98 4.28 17.39 -18.89
CA THR A 98 4.61 18.07 -20.14
C THR A 98 4.05 19.48 -20.20
N ASP A 99 2.75 19.60 -19.91
CA ASP A 99 2.07 20.93 -19.88
C ASP A 99 2.67 21.85 -18.83
N ALA A 100 2.97 21.31 -17.63
CA ALA A 100 3.57 22.08 -16.62
C ALA A 100 4.86 22.69 -17.06
N ARG A 101 5.74 21.89 -17.63
CA ARG A 101 7.02 22.34 -18.10
C ARG A 101 6.92 23.34 -19.27
N GLU A 102 5.98 23.14 -20.18
CA GLU A 102 5.79 24.10 -21.26
C GLU A 102 5.36 25.47 -20.68
N VAL A 103 4.37 25.52 -19.78
CA VAL A 103 3.98 26.82 -19.24
C VAL A 103 5.04 27.50 -18.34
N HIS A 104 5.86 26.67 -17.68
CA HIS A 104 6.95 27.17 -16.90
C HIS A 104 7.93 27.90 -17.84
N ALA A 105 8.35 27.24 -18.91
CA ALA A 105 9.25 27.82 -19.85
C ALA A 105 8.64 29.09 -20.49
N LEU A 106 7.38 29.04 -20.82
CA LEU A 106 6.73 30.26 -21.39
C LEU A 106 6.80 31.46 -20.44
N ALA A 107 6.53 31.22 -19.16
CA ALA A 107 6.57 32.24 -18.12
C ALA A 107 7.94 32.84 -17.89
N GLU A 108 8.94 32.00 -17.79
CA GLU A 108 10.28 32.45 -17.57
C GLU A 108 10.83 33.19 -18.80
N SER A 109 10.40 32.83 -19.99
CA SER A 109 10.75 33.58 -21.18
C SER A 109 10.30 35.05 -21.14
N HIS A 110 9.23 35.36 -20.41
CA HIS A 110 8.76 36.70 -20.19
C HIS A 110 9.39 37.35 -19.00
N GLY A 111 10.40 36.75 -18.42
CA GLY A 111 11.00 37.40 -17.24
C GLY A 111 10.19 37.15 -16.02
N MET A 112 9.30 36.15 -16.03
CA MET A 112 8.58 35.90 -14.79
C MET A 112 9.30 34.82 -14.01
N LEU A 113 8.87 34.60 -12.77
CA LEU A 113 9.29 33.45 -11.96
C LEU A 113 8.09 32.50 -11.85
N GLN A 114 8.29 31.18 -11.94
CA GLN A 114 7.14 30.29 -12.04
C GLN A 114 7.39 29.01 -11.32
N LEU A 115 6.35 28.55 -10.62
CA LEU A 115 6.33 27.26 -9.93
C LEU A 115 5.12 26.47 -10.33
N ASP A 116 5.31 25.15 -10.50
CA ASP A 116 4.15 24.25 -10.40
C ASP A 116 3.95 23.89 -8.91
N ALA A 117 2.74 24.00 -8.42
CA ALA A 117 2.37 23.70 -7.04
C ALA A 117 1.00 23.10 -6.92
N PRO A 118 0.79 21.96 -7.53
CA PRO A 118 -0.49 21.28 -7.37
C PRO A 118 -0.73 20.85 -5.96
N VAL A 119 -1.99 20.69 -5.62
CA VAL A 119 -2.41 20.43 -4.27
C VAL A 119 -3.15 19.13 -4.04
N SER A 120 -2.96 18.57 -2.85
CA SER A 120 -3.80 17.47 -2.31
C SER A 120 -4.55 17.96 -1.12
N GLY A 121 -5.74 17.38 -0.88
CA GLY A 121 -6.58 17.75 0.27
C GLY A 121 -7.99 18.12 -0.05
N GLY A 122 -8.31 18.34 -1.31
CA GLY A 122 -9.65 18.72 -1.70
C GLY A 122 -10.23 20.01 -1.13
N VAL A 123 -11.53 20.17 -1.35
CA VAL A 123 -12.26 21.36 -0.87
C VAL A 123 -12.14 21.54 0.66
N LYS A 124 -12.17 20.45 1.35
CA LYS A 124 -12.09 20.45 2.80
C LYS A 124 -10.77 20.98 3.26
N GLY A 125 -9.70 20.46 2.69
CA GLY A 125 -8.40 20.98 2.95
C GLY A 125 -8.23 22.44 2.57
N ALA A 126 -8.85 22.79 1.46
CA ALA A 126 -8.71 24.13 0.94
C ALA A 126 -9.32 25.09 1.92
N ALA A 127 -10.50 24.76 2.40
CA ALA A 127 -11.23 25.58 3.35
C ALA A 127 -10.50 25.62 4.69
N ALA A 128 -10.01 24.47 5.11
CA ALA A 128 -9.34 24.43 6.42
C ALA A 128 -7.89 24.94 6.36
N ALA A 129 -7.41 25.36 5.18
CA ALA A 129 -6.02 25.80 5.01
C ALA A 129 -5.00 24.70 5.39
N THR A 130 -5.27 23.46 5.02
CA THR A 130 -4.38 22.36 5.29
C THR A 130 -3.91 21.66 4.03
N LEU A 131 -3.96 22.32 2.89
CA LEU A 131 -3.57 21.68 1.65
C LEU A 131 -2.08 21.29 1.69
N ALA A 132 -1.71 20.27 0.96
CA ALA A 132 -0.33 19.93 0.78
C ALA A 132 0.02 20.35 -0.63
N PHE A 133 1.02 21.24 -0.73
CA PHE A 133 1.52 21.71 -1.99
C PHE A 133 2.76 20.89 -2.33
N MET A 134 2.77 20.29 -3.53
CA MET A 134 3.96 19.62 -4.09
C MET A 134 4.54 20.52 -5.19
N VAL A 135 5.72 21.07 -4.94
CA VAL A 135 6.27 22.16 -5.72
C VAL A 135 7.41 21.79 -6.62
N GLY A 136 7.31 22.22 -7.88
CA GLY A 136 8.42 22.14 -8.83
C GLY A 136 8.90 23.50 -9.21
N GLY A 137 10.22 23.65 -9.26
CA GLY A 137 10.87 24.95 -9.55
C GLY A 137 12.13 25.23 -8.77
N ASP A 138 12.60 26.45 -8.82
CA ASP A 138 13.83 26.87 -8.18
C ASP A 138 13.56 27.12 -6.71
N GLU A 139 14.50 26.67 -5.89
CA GLU A 139 14.41 26.80 -4.43
C GLU A 139 14.28 28.22 -4.03
N SER A 140 15.00 29.11 -4.66
CA SER A 140 14.90 30.53 -4.33
C SER A 140 13.49 31.12 -4.71
N THR A 141 12.88 30.61 -5.74
CA THR A 141 11.49 31.05 -6.13
C THR A 141 10.48 30.54 -5.11
N LEU A 142 10.65 29.29 -4.70
CA LEU A 142 9.84 28.75 -3.59
C LEU A 142 9.99 29.57 -2.31
N ARG A 143 11.21 29.98 -1.98
CA ARG A 143 11.38 30.80 -0.75
C ARG A 143 10.58 32.08 -0.83
N ARG A 144 10.65 32.75 -1.98
CA ARG A 144 9.86 33.92 -2.23
C ARG A 144 8.36 33.65 -2.16
N ALA A 145 7.91 32.49 -2.64
CA ALA A 145 6.48 32.16 -2.61
C ALA A 145 5.98 31.72 -1.28
N ARG A 146 6.88 31.27 -0.40
CA ARG A 146 6.47 30.62 0.86
C ARG A 146 5.41 31.39 1.69
N PRO A 147 5.56 32.70 1.83
CA PRO A 147 4.53 33.44 2.59
C PRO A 147 3.17 33.56 1.92
N VAL A 148 3.10 33.37 0.60
CA VAL A 148 1.79 33.28 -0.04
C VAL A 148 1.16 31.91 0.15
N LEU A 149 1.99 30.88 0.10
CA LEU A 149 1.50 29.52 0.17
C LEU A 149 1.10 29.17 1.62
N GLU A 150 1.87 29.63 2.60
CA GLU A 150 1.66 29.27 3.98
C GLU A 150 0.20 29.43 4.45
N PRO A 151 -0.45 30.54 4.17
CA PRO A 151 -1.82 30.60 4.73
C PRO A 151 -2.85 29.67 4.06
N MET A 152 -2.50 29.06 2.93
CA MET A 152 -3.33 28.04 2.33
C MET A 152 -2.99 26.62 2.74
N ALA A 153 -1.86 26.40 3.40
CA ALA A 153 -1.20 25.12 3.38
C ALA A 153 -1.00 24.52 4.76
N GLY A 154 -1.08 23.19 4.82
CA GLY A 154 -0.59 22.38 5.97
C GLY A 154 0.82 21.86 5.65
N LYS A 155 1.23 21.81 4.40
CA LYS A 155 2.47 21.16 4.04
C LYS A 155 2.92 21.72 2.69
N ILE A 156 4.20 22.04 2.60
CA ILE A 156 4.81 22.54 1.38
C ILE A 156 6.07 21.75 1.14
N ILE A 157 6.10 20.98 0.06
CA ILE A 157 7.21 20.10 -0.24
C ILE A 157 7.81 20.47 -1.58
N HIS A 158 9.13 20.71 -1.57
CA HIS A 158 9.88 20.95 -2.78
C HIS A 158 10.26 19.59 -3.40
N CYS A 159 9.76 19.35 -4.61
CA CYS A 159 9.91 18.07 -5.27
C CYS A 159 11.03 18.01 -6.27
N GLY A 160 11.55 19.16 -6.69
CA GLY A 160 12.59 19.23 -7.68
C GLY A 160 12.33 20.39 -8.67
N ALA A 161 12.90 20.26 -9.86
CA ALA A 161 12.77 21.27 -10.90
C ALA A 161 11.35 21.30 -11.47
N ALA A 162 11.10 22.31 -12.29
CA ALA A 162 9.79 22.52 -12.89
C ALA A 162 9.23 21.22 -13.46
N GLY A 163 7.98 20.96 -13.14
CA GLY A 163 7.28 19.72 -13.40
C GLY A 163 7.34 18.63 -12.32
N ALA A 164 8.30 18.70 -11.42
CA ALA A 164 8.43 17.72 -10.36
C ALA A 164 7.22 17.66 -9.43
N GLY A 165 6.57 18.80 -9.21
CA GLY A 165 5.42 18.82 -8.35
C GLY A 165 4.28 17.98 -8.90
N GLN A 166 3.99 18.25 -10.19
CA GLN A 166 3.01 17.45 -10.95
C GLN A 166 3.41 15.96 -10.95
N ALA A 167 4.68 15.68 -11.18
CA ALA A 167 5.09 14.28 -11.29
C ALA A 167 4.91 13.60 -9.92
N ALA A 168 5.27 14.28 -8.82
CA ALA A 168 5.18 13.66 -7.51
C ALA A 168 3.73 13.33 -7.21
N LYS A 169 2.81 14.29 -7.44
CA LYS A 169 1.40 14.05 -7.14
C LYS A 169 0.84 12.91 -7.99
N VAL A 170 1.18 12.90 -9.26
CA VAL A 170 0.64 11.88 -10.14
C VAL A 170 1.11 10.45 -9.73
N CYS A 171 2.37 10.35 -9.36
CA CYS A 171 2.93 9.08 -8.93
C CYS A 171 2.34 8.65 -7.61
N ASN A 172 2.19 9.54 -6.63
CA ASN A 172 1.48 9.16 -5.43
C ASN A 172 0.04 8.70 -5.67
N ASN A 173 -0.72 9.47 -6.46
CA ASN A 173 -2.10 9.11 -6.69
C ASN A 173 -2.32 7.79 -7.49
N MET A 174 -1.36 7.46 -8.36
CA MET A 174 -1.44 6.19 -9.09
C MET A 174 -1.24 5.03 -8.06
N VAL A 175 -0.26 5.18 -7.14
CA VAL A 175 -0.07 4.19 -6.08
C VAL A 175 -1.35 4.02 -5.25
N LEU A 176 -1.88 5.16 -4.82
CA LEU A 176 -3.10 5.24 -4.00
C LEU A 176 -4.26 4.50 -4.62
N ALA A 177 -4.45 4.70 -5.92
CA ALA A 177 -5.52 4.08 -6.61
C ALA A 177 -5.40 2.56 -6.59
N VAL A 178 -4.18 2.07 -6.86
CA VAL A 178 -3.88 0.65 -6.88
C VAL A 178 -4.16 0.12 -5.45
N GLN A 179 -3.70 0.81 -4.42
CA GLN A 179 -3.87 0.39 -3.02
C GLN A 179 -5.37 0.31 -2.65
N GLN A 180 -6.16 1.27 -3.11
CA GLN A 180 -7.60 1.31 -2.74
C GLN A 180 -8.29 0.12 -3.35
N ILE A 181 -7.90 -0.24 -4.57
CA ILE A 181 -8.43 -1.42 -5.18
C ILE A 181 -7.96 -2.69 -4.52
N ALA A 182 -6.68 -2.80 -4.32
CA ALA A 182 -6.16 -3.99 -3.62
C ALA A 182 -6.79 -4.22 -2.26
N ILE A 183 -6.95 -3.14 -1.50
CA ILE A 183 -7.59 -3.22 -0.19
C ILE A 183 -9.02 -3.72 -0.31
N ALA A 184 -9.75 -3.18 -1.29
CA ALA A 184 -11.07 -3.63 -1.55
C ALA A 184 -11.15 -5.14 -1.86
N GLU A 185 -10.27 -5.61 -2.74
CA GLU A 185 -10.24 -7.02 -3.11
C GLU A 185 -9.98 -7.88 -1.87
N ALA A 186 -9.06 -7.43 -1.06
CA ALA A 186 -8.73 -8.08 0.18
C ALA A 186 -9.98 -8.22 1.11
N PHE A 187 -10.72 -7.15 1.40
CA PHE A 187 -11.91 -7.26 2.19
C PHE A 187 -12.96 -8.17 1.59
N VAL A 188 -13.10 -8.18 0.27
CA VAL A 188 -14.12 -9.07 -0.31
C VAL A 188 -13.63 -10.53 -0.23
N LEU A 189 -12.35 -10.76 -0.50
CA LEU A 189 -11.83 -12.14 -0.42
C LEU A 189 -12.05 -12.69 1.02
N ALA A 190 -11.79 -11.83 2.02
CA ALA A 190 -11.81 -12.24 3.41
C ALA A 190 -13.21 -12.64 3.80
N GLU A 191 -14.16 -11.82 3.38
CA GLU A 191 -15.56 -12.12 3.60
C GLU A 191 -15.98 -13.46 2.99
N LYS A 192 -15.58 -13.73 1.76
CA LYS A 192 -15.90 -15.05 1.19
C LYS A 192 -15.16 -16.21 1.89
N LEU A 193 -13.99 -15.95 2.46
CA LEU A 193 -13.26 -16.95 3.26
C LEU A 193 -13.78 -17.15 4.67
N GLY A 194 -14.74 -16.35 5.10
CA GLY A 194 -15.33 -16.46 6.43
C GLY A 194 -14.51 -15.67 7.47
N LEU A 195 -13.64 -14.78 7.01
CA LEU A 195 -12.81 -13.95 7.91
C LEU A 195 -13.53 -12.63 8.10
N SER A 196 -13.83 -12.26 9.34
CA SER A 196 -14.56 -11.00 9.58
C SER A 196 -13.74 -9.72 9.13
N ALA A 197 -14.47 -8.66 8.86
CA ALA A 197 -13.89 -7.43 8.39
C ALA A 197 -13.03 -6.82 9.50
N GLN A 198 -13.48 -6.87 10.75
CA GLN A 198 -12.69 -6.31 11.88
C GLN A 198 -11.38 -7.08 12.06
N SER A 199 -11.45 -8.40 11.82
CA SER A 199 -10.30 -9.27 12.00
C SER A 199 -9.25 -9.02 10.92
N LEU A 200 -9.70 -8.90 9.68
CA LEU A 200 -8.79 -8.54 8.62
C LEU A 200 -8.22 -7.15 8.85
N PHE A 201 -9.08 -6.20 9.21
CA PHE A 201 -8.60 -4.87 9.51
C PHE A 201 -7.49 -4.86 10.57
N ASP A 202 -7.70 -5.53 11.70
CA ASP A 202 -6.69 -5.68 12.80
C ASP A 202 -5.41 -6.29 12.30
N VAL A 203 -5.48 -7.29 11.40
CA VAL A 203 -4.27 -7.89 10.91
C VAL A 203 -3.52 -6.96 9.99
N ILE A 204 -4.21 -6.52 8.94
CA ILE A 204 -3.52 -5.69 7.90
C ILE A 204 -2.94 -4.39 8.50
N THR A 205 -3.70 -3.73 9.38
CA THR A 205 -3.17 -2.50 9.96
C THR A 205 -1.96 -2.71 10.86
N GLY A 206 -1.80 -3.91 11.45
CA GLY A 206 -0.59 -4.24 12.19
C GLY A 206 0.44 -4.94 11.35
N ALA A 207 0.24 -5.08 10.04
CA ALA A 207 1.15 -5.86 9.20
C ALA A 207 1.66 -5.07 7.99
N THR A 208 2.35 -5.76 7.09
CA THR A 208 3.08 -5.12 6.00
C THR A 208 2.14 -4.48 4.95
N GLY A 209 0.91 -4.96 4.88
CA GLY A 209 -0.06 -4.42 3.96
C GLY A 209 -0.69 -3.08 4.33
N ASN A 210 -0.39 -2.58 5.54
CA ASN A 210 -1.05 -1.35 6.01
C ASN A 210 -0.80 -0.12 5.10
N CYS A 211 -1.85 0.68 4.94
CA CYS A 211 -1.80 1.92 4.17
C CYS A 211 -3.07 2.70 4.42
N TRP A 212 -3.04 3.97 4.03
CA TRP A 212 -4.14 4.93 4.29
C TRP A 212 -5.47 4.39 3.77
N ALA A 213 -5.43 3.75 2.58
CA ALA A 213 -6.57 3.13 1.96
C ALA A 213 -7.34 2.19 2.88
N VAL A 214 -6.65 1.56 3.86
CA VAL A 214 -7.33 0.81 4.89
C VAL A 214 -7.42 1.53 6.24
N HIS A 215 -6.34 2.12 6.72
CA HIS A 215 -6.38 2.66 8.12
C HIS A 215 -7.26 3.89 8.25
N THR A 216 -7.46 4.58 7.14
CA THR A 216 -8.33 5.77 7.12
C THR A 216 -9.53 5.63 6.20
N ASN A 217 -9.35 4.97 5.05
CA ASN A 217 -10.39 4.93 4.03
C ASN A 217 -11.09 3.58 3.92
N CYS A 218 -10.98 2.78 4.98
CA CYS A 218 -11.54 1.43 4.99
C CYS A 218 -12.87 1.34 4.25
N PRO A 219 -12.96 0.49 3.21
CA PRO A 219 -14.13 0.44 2.33
C PRO A 219 -15.24 -0.43 2.79
N VAL A 220 -15.11 -1.02 3.98
CA VAL A 220 -16.27 -1.63 4.68
C VAL A 220 -16.66 -0.90 5.94
N PRO A 221 -17.96 -0.83 6.25
CA PRO A 221 -18.42 -0.09 7.40
C PRO A 221 -18.02 -0.77 8.72
N GLY A 222 -17.70 0.00 9.74
CA GLY A 222 -17.36 -0.58 11.06
C GLY A 222 -15.96 -0.27 11.53
N PRO A 223 -14.94 -0.78 10.84
CA PRO A 223 -13.63 -0.67 11.52
C PRO A 223 -13.08 0.76 11.70
N VAL A 224 -13.49 1.68 10.83
CA VAL A 224 -13.08 3.06 10.87
C VAL A 224 -14.38 3.88 10.75
N PRO A 225 -15.01 4.20 11.89
CA PRO A 225 -16.36 4.88 11.83
C PRO A 225 -16.43 6.16 10.94
N THR A 226 -15.36 6.89 10.77
CA THR A 226 -15.36 8.05 9.92
C THR A 226 -15.12 7.78 8.43
N SER A 227 -14.85 6.56 8.00
CA SER A 227 -14.52 6.35 6.59
C SER A 227 -15.81 6.45 5.73
N PRO A 228 -15.65 6.76 4.44
CA PRO A 228 -16.83 6.98 3.56
C PRO A 228 -17.83 5.84 3.49
N ALA A 229 -17.33 4.61 3.68
CA ALA A 229 -18.16 3.40 3.67
C ALA A 229 -19.31 3.46 4.71
N ASN A 230 -19.13 4.22 5.79
CA ASN A 230 -20.14 4.36 6.83
C ASN A 230 -21.12 5.53 6.56
N ASN A 231 -20.92 6.25 5.46
CA ASN A 231 -21.67 7.46 5.15
C ASN A 231 -22.08 7.47 3.66
N ASP A 232 -22.65 6.33 3.21
CA ASP A 232 -23.04 6.12 1.83
C ASP A 232 -21.95 6.47 0.79
N PHE A 233 -20.67 6.32 1.15
CA PHE A 233 -19.56 6.68 0.26
C PHE A 233 -19.59 8.14 -0.24
N LYS A 234 -20.04 9.07 0.62
CA LYS A 234 -19.93 10.49 0.34
C LYS A 234 -18.42 10.80 0.27
N PRO A 235 -17.98 11.56 -0.76
CA PRO A 235 -16.56 11.99 -0.79
C PRO A 235 -16.29 12.93 0.38
N GLY A 236 -15.12 12.94 0.99
CA GLY A 236 -13.99 12.10 0.67
C GLY A 236 -13.29 12.54 -0.60
N PHE A 237 -12.81 11.60 -1.39
CA PHE A 237 -12.14 11.87 -2.64
C PHE A 237 -12.94 11.16 -3.72
N SER A 238 -13.66 11.90 -4.58
CA SER A 238 -14.53 11.30 -5.56
C SER A 238 -13.79 10.45 -6.58
N THR A 239 -14.51 9.45 -7.05
CA THR A 239 -14.15 8.69 -8.25
C THR A 239 -13.88 9.57 -9.43
N ALA A 240 -14.70 10.59 -9.61
CA ALA A 240 -14.45 11.57 -10.70
C ALA A 240 -13.03 12.17 -10.66
N LEU A 241 -12.60 12.60 -9.47
CA LEU A 241 -11.28 13.20 -9.28
C LEU A 241 -10.17 12.20 -9.37
N MET A 242 -10.41 11.00 -8.86
CA MET A 242 -9.40 9.97 -8.95
C MET A 242 -9.22 9.58 -10.45
N ASN A 243 -10.34 9.43 -11.16
CA ASN A 243 -10.33 9.14 -12.61
C ASN A 243 -9.52 10.24 -13.37
N LYS A 244 -9.71 11.47 -12.97
CA LYS A 244 -8.95 12.57 -13.56
C LYS A 244 -7.43 12.41 -13.35
N ASP A 245 -6.99 12.14 -12.11
CA ASP A 245 -5.60 11.92 -11.82
C ASP A 245 -5.01 10.75 -12.56
N LEU A 246 -5.75 9.67 -12.64
CA LEU A 246 -5.25 8.52 -13.36
C LEU A 246 -5.15 8.77 -14.85
N GLY A 247 -6.07 9.55 -15.42
CA GLY A 247 -5.92 10.00 -16.84
C GLY A 247 -4.56 10.68 -17.04
N LEU A 248 -4.18 11.56 -16.09
CA LEU A 248 -2.89 12.21 -16.16
C LEU A 248 -1.72 11.24 -15.97
N ALA A 249 -1.87 10.24 -15.09
CA ALA A 249 -0.85 9.24 -14.97
C ALA A 249 -0.67 8.44 -16.27
N MET A 250 -1.78 8.11 -16.90
CA MET A 250 -1.72 7.41 -18.21
C MET A 250 -1.09 8.26 -19.36
N ASP A 251 -1.32 9.57 -19.31
CA ASP A 251 -0.59 10.48 -20.22
C ASP A 251 0.93 10.47 -19.97
N ALA A 252 1.32 10.52 -18.68
CA ALA A 252 2.68 10.48 -18.34
C ALA A 252 3.32 9.13 -18.75
N VAL A 253 2.59 8.05 -18.56
CA VAL A 253 3.05 6.70 -18.93
C VAL A 253 3.21 6.66 -20.46
N ALA A 254 2.25 7.20 -21.18
CA ALA A 254 2.34 7.15 -22.65
C ALA A 254 3.50 8.07 -23.12
N ALA A 255 3.64 9.23 -22.52
CA ALA A 255 4.68 10.15 -22.96
C ALA A 255 6.10 9.62 -22.71
N THR A 256 6.31 8.84 -21.66
CA THR A 256 7.64 8.31 -21.36
C THR A 256 7.93 6.91 -21.90
N GLY A 257 6.92 6.24 -22.39
CA GLY A 257 7.02 4.80 -22.70
C GLY A 257 7.18 3.89 -21.49
N ALA A 258 6.64 4.29 -20.34
CA ALA A 258 6.93 3.55 -19.10
C ALA A 258 6.07 2.28 -19.09
N THR A 259 6.47 1.31 -18.26
CA THR A 259 5.73 0.07 -18.07
C THR A 259 5.06 0.20 -16.76
N ALA A 260 3.74 0.31 -16.73
CA ALA A 260 2.98 0.48 -15.47
C ALA A 260 1.74 -0.42 -15.47
N PRO A 261 1.97 -1.74 -15.37
CA PRO A 261 0.83 -2.65 -15.55
C PRO A 261 -0.27 -2.50 -14.53
N LEU A 262 0.07 -2.36 -13.25
CA LEU A 262 -1.01 -2.25 -12.28
C LEU A 262 -1.65 -0.84 -12.25
N GLY A 263 -0.84 0.20 -12.39
CA GLY A 263 -1.43 1.49 -12.50
C GLY A 263 -2.38 1.61 -13.68
N SER A 264 -1.98 1.13 -14.84
CA SER A 264 -2.84 1.13 -16.03
C SER A 264 -4.07 0.32 -15.85
N HIS A 265 -3.97 -0.82 -15.15
CA HIS A 265 -5.16 -1.60 -14.85
C HIS A 265 -6.12 -0.85 -13.93
N ALA A 266 -5.52 -0.20 -12.93
CA ALA A 266 -6.30 0.57 -12.01
C ALA A 266 -7.04 1.72 -12.73
N ALA A 267 -6.34 2.33 -13.65
CA ALA A 267 -6.88 3.41 -14.47
C ALA A 267 -8.07 2.89 -15.22
N ASP A 268 -8.00 1.71 -15.83
N ASP A 268 -7.96 1.70 -15.83
CA ASP A 268 -9.17 1.19 -16.57
CA ASP A 268 -9.08 1.08 -16.57
C ASP A 268 -10.32 0.86 -15.64
C ASP A 268 -10.27 0.88 -15.64
N ILE A 269 -10.00 0.34 -14.46
CA ILE A 269 -11.04 0.04 -13.52
C ILE A 269 -11.78 1.33 -13.11
N TYR A 270 -11.02 2.37 -12.79
CA TYR A 270 -11.68 3.58 -12.30
C TYR A 270 -12.44 4.36 -13.42
N ALA A 271 -11.93 4.32 -14.65
CA ALA A 271 -12.58 4.98 -15.81
C ALA A 271 -13.95 4.39 -16.05
N LYS A 272 -14.00 3.07 -16.06
CA LYS A 272 -15.26 2.32 -16.09
C LYS A 272 -16.16 2.61 -14.88
N PHE A 273 -15.64 2.60 -13.66
CA PHE A 273 -16.44 2.92 -12.48
C PHE A 273 -16.97 4.35 -12.50
N ALA A 274 -16.18 5.31 -12.99
CA ALA A 274 -16.61 6.67 -13.06
C ALA A 274 -17.81 6.90 -14.03
N ALA A 275 -18.06 5.96 -14.96
CA ALA A 275 -19.20 6.06 -15.88
C ALA A 275 -20.46 5.89 -15.15
N ASP A 276 -20.43 5.19 -14.02
CA ASP A 276 -21.63 5.00 -13.19
C ASP A 276 -21.67 5.69 -11.85
N HIS A 277 -20.51 5.84 -11.18
CA HIS A 277 -20.48 6.28 -9.79
C HIS A 277 -19.40 7.41 -9.53
N ALA A 278 -19.31 8.30 -10.50
CA ALA A 278 -18.35 9.40 -10.43
C ALA A 278 -18.45 10.24 -9.14
N ASP A 279 -19.64 10.30 -8.56
CA ASP A 279 -19.95 11.10 -7.39
C ASP A 279 -19.69 10.38 -6.05
N LEU A 280 -19.25 9.13 -6.12
CA LEU A 280 -19.00 8.40 -4.88
C LEU A 280 -17.54 8.45 -4.59
N ASP A 281 -17.22 8.37 -3.32
CA ASP A 281 -15.86 8.21 -2.91
C ASP A 281 -15.23 7.06 -3.65
N PHE A 282 -13.95 7.24 -4.01
CA PHE A 282 -13.25 6.20 -4.74
C PHE A 282 -13.08 4.86 -4.06
N SER A 283 -13.25 4.81 -2.73
CA SER A 283 -13.24 3.54 -2.03
C SER A 283 -14.47 2.68 -2.40
N ALA A 284 -15.52 3.30 -3.00
CA ALA A 284 -16.71 2.55 -3.41
C ALA A 284 -16.44 1.54 -4.50
N VAL A 285 -15.24 1.56 -5.05
CA VAL A 285 -14.82 0.58 -6.04
C VAL A 285 -14.96 -0.85 -5.57
N ILE A 286 -14.94 -1.04 -4.25
CA ILE A 286 -15.17 -2.37 -3.64
C ILE A 286 -16.44 -3.04 -4.23
N HIS A 287 -17.42 -2.23 -4.57
CA HIS A 287 -18.67 -2.71 -5.08
C HIS A 287 -18.79 -2.87 -6.60
N THR A 288 -17.71 -2.71 -7.33
CA THR A 288 -17.77 -2.84 -8.79
C THR A 288 -16.90 -3.96 -9.29
N LEU A 289 -16.35 -4.73 -8.36
CA LEU A 289 -15.37 -5.73 -8.72
C LEU A 289 -16.03 -6.86 -9.53
N ARG A 290 -17.33 -7.13 -9.35
CA ARG A 290 -17.97 -8.21 -10.12
C ARG A 290 -18.37 -7.78 -11.53
N ALA A 291 -18.25 -6.50 -11.84
CA ALA A 291 -18.33 -5.99 -13.23
C ALA A 291 -17.11 -6.52 -13.99
N ARG A 292 -16.01 -6.82 -13.25
CA ARG A 292 -14.73 -7.35 -13.85
C ARG A 292 -14.72 -8.85 -14.32
N ALA A 293 -15.17 -9.79 -13.48
CA ALA A 293 -15.19 -11.26 -13.81
C ALA A 293 -13.80 -11.89 -14.16
N MET B 1 3.62 -22.75 31.30
CA MET B 1 4.41 -23.81 32.00
C MET B 1 5.23 -24.67 31.00
N MET B 2 6.30 -25.27 31.51
CA MET B 2 7.11 -26.23 30.76
C MET B 2 6.27 -27.41 30.27
N THR B 3 6.51 -27.75 29.03
CA THR B 3 5.65 -28.61 28.24
C THR B 3 6.60 -29.43 27.39
N THR B 4 6.17 -30.64 27.03
CA THR B 4 6.82 -31.40 25.96
C THR B 4 6.16 -31.14 24.60
N ILE B 5 6.99 -30.72 23.67
CA ILE B 5 6.57 -30.29 22.34
C ILE B 5 7.30 -31.13 21.27
N ALA B 6 6.55 -31.74 20.40
CA ALA B 6 7.12 -32.39 19.22
C ALA B 6 7.14 -31.35 18.11
N PHE B 7 8.26 -31.21 17.43
CA PHE B 7 8.41 -30.24 16.40
C PHE B 7 8.76 -31.01 15.09
N LEU B 8 7.81 -31.01 14.14
CA LEU B 8 7.92 -31.69 12.87
C LEU B 8 8.15 -30.68 11.73
N GLY B 9 9.36 -30.70 11.20
CA GLY B 9 9.82 -29.68 10.21
C GLY B 9 10.84 -28.80 10.89
N LEU B 10 12.14 -29.07 10.68
CA LEU B 10 13.24 -28.38 11.35
C LEU B 10 14.11 -27.63 10.36
N GLY B 11 13.46 -27.06 9.34
CA GLY B 11 14.14 -26.30 8.29
C GLY B 11 14.50 -24.91 8.69
N ASN B 12 14.66 -23.99 7.74
N ASN B 12 14.58 -24.01 7.71
CA ASN B 12 15.20 -22.66 8.10
CA ASN B 12 15.09 -22.64 7.94
C ASN B 12 14.26 -21.80 8.97
C ASN B 12 14.29 -21.88 8.99
N MET B 13 13.00 -22.20 9.13
CA MET B 13 12.12 -21.58 10.11
C MET B 13 12.00 -22.49 11.31
N GLY B 14 11.68 -23.76 11.06
CA GLY B 14 11.53 -24.68 12.20
C GLY B 14 12.74 -24.79 13.15
N ALA B 15 13.95 -24.78 12.61
CA ALA B 15 15.12 -24.93 13.46
C ALA B 15 15.26 -23.76 14.44
N PRO B 16 15.25 -22.50 13.97
CA PRO B 16 15.38 -21.43 15.01
C PRO B 16 14.16 -21.32 15.98
N MET B 17 12.96 -21.67 15.46
CA MET B 17 11.76 -21.70 16.32
C MET B 17 12.01 -22.71 17.47
N SER B 18 12.48 -23.88 17.09
CA SER B 18 12.65 -24.98 18.04
C SER B 18 13.74 -24.61 19.04
N ALA B 19 14.78 -23.93 18.56
CA ALA B 19 15.79 -23.43 19.47
C ALA B 19 15.29 -22.49 20.55
N ASN B 20 14.39 -21.60 20.20
CA ASN B 20 13.81 -20.70 21.19
C ASN B 20 12.91 -21.44 22.21
N LEU B 21 12.22 -22.53 21.78
CA LEU B 21 11.46 -23.35 22.69
C LEU B 21 12.38 -24.04 23.71
N VAL B 22 13.51 -24.57 23.24
CA VAL B 22 14.49 -25.17 24.11
C VAL B 22 15.05 -24.13 25.11
N GLY B 23 15.41 -22.97 24.60
CA GLY B 23 15.82 -21.87 25.48
C GLY B 23 14.79 -21.50 26.54
N ALA B 24 13.49 -21.63 26.23
CA ALA B 24 12.48 -21.28 27.20
C ALA B 24 12.23 -22.43 28.20
N GLY B 25 12.99 -23.51 28.09
CA GLY B 25 12.94 -24.59 29.09
C GLY B 25 12.02 -25.72 28.70
N HIS B 26 11.42 -25.70 27.52
CA HIS B 26 10.59 -26.86 27.05
C HIS B 26 11.45 -27.99 26.60
N VAL B 27 10.93 -29.20 26.71
CA VAL B 27 11.50 -30.40 26.17
C VAL B 27 10.97 -30.52 24.75
N VAL B 28 11.86 -30.51 23.75
CA VAL B 28 11.48 -30.49 22.34
C VAL B 28 11.91 -31.77 21.67
N ARG B 29 10.94 -32.48 21.13
CA ARG B 29 11.14 -33.72 20.40
C ARG B 29 11.00 -33.44 18.91
N GLY B 30 12.03 -33.64 18.14
CA GLY B 30 11.99 -33.18 16.79
C GLY B 30 12.04 -34.29 15.78
N PHE B 31 11.51 -34.04 14.59
CA PHE B 31 11.69 -34.93 13.47
C PHE B 31 11.74 -34.06 12.18
N ASP B 32 12.64 -34.42 11.27
CA ASP B 32 12.60 -33.90 9.93
C ASP B 32 13.28 -34.97 9.11
N PRO B 33 12.74 -35.28 7.94
CA PRO B 33 13.35 -36.33 7.12
C PRO B 33 14.62 -35.91 6.36
N ALA B 34 14.99 -34.65 6.39
CA ALA B 34 16.31 -34.22 5.94
C ALA B 34 17.27 -34.25 7.16
N PRO B 35 18.21 -35.21 7.19
CA PRO B 35 19.10 -35.39 8.31
C PRO B 35 19.90 -34.16 8.62
N THR B 36 20.20 -33.33 7.62
CA THR B 36 20.97 -32.11 7.89
C THR B 36 20.21 -31.12 8.75
N ALA B 37 18.94 -31.01 8.48
CA ALA B 37 18.05 -30.16 9.29
C ALA B 37 17.95 -30.72 10.69
N ALA B 38 17.68 -32.00 10.82
CA ALA B 38 17.62 -32.65 12.12
C ALA B 38 18.93 -32.45 12.94
N SER B 39 20.08 -32.58 12.27
CA SER B 39 21.41 -32.44 12.96
C SER B 39 21.60 -31.05 13.54
N GLY B 40 21.29 -30.03 12.73
CA GLY B 40 21.32 -28.63 13.20
C GLY B 40 20.41 -28.34 14.41
N ALA B 41 19.22 -28.90 14.39
CA ALA B 41 18.31 -28.77 15.52
C ALA B 41 18.82 -29.49 16.79
N ALA B 42 19.33 -30.72 16.67
CA ALA B 42 19.94 -31.42 17.75
C ALA B 42 21.07 -30.61 18.42
N ALA B 43 21.86 -29.90 17.62
CA ALA B 43 22.96 -29.12 18.17
C ALA B 43 22.50 -28.04 19.14
N HIS B 44 21.30 -27.47 18.91
N HIS B 44 21.29 -27.53 18.96
CA HIS B 44 20.70 -26.50 19.82
CA HIS B 44 20.74 -26.52 19.82
C HIS B 44 19.73 -27.09 20.87
C HIS B 44 19.82 -27.08 20.94
N GLY B 45 19.78 -28.40 21.10
CA GLY B 45 19.04 -29.07 22.21
C GLY B 45 17.74 -29.81 21.93
N VAL B 46 17.34 -29.95 20.67
CA VAL B 46 16.18 -30.73 20.28
C VAL B 46 16.58 -32.23 20.34
N ALA B 47 15.72 -33.03 20.89
CA ALA B 47 15.97 -34.45 20.93
C ALA B 47 15.34 -34.95 19.64
N VAL B 48 16.17 -35.47 18.75
CA VAL B 48 15.71 -35.85 17.46
C VAL B 48 15.33 -37.31 17.45
N PHE B 49 14.23 -37.63 16.78
CA PHE B 49 13.75 -39.02 16.70
C PHE B 49 13.84 -39.59 15.27
N ARG B 50 13.75 -40.91 15.23
CA ARG B 50 13.87 -41.69 14.01
C ARG B 50 12.61 -41.54 13.08
N SER B 51 11.46 -41.15 13.66
CA SER B 51 10.25 -41.06 12.88
C SER B 51 9.33 -40.05 13.50
N ALA B 52 8.50 -39.48 12.68
CA ALA B 52 7.51 -38.53 13.15
C ALA B 52 6.59 -39.12 14.19
N PRO B 53 6.09 -40.34 13.98
CA PRO B 53 5.25 -40.94 14.99
C PRO B 53 5.92 -41.16 16.32
N GLU B 54 7.21 -41.49 16.28
CA GLU B 54 7.91 -41.57 17.55
C GLU B 54 8.03 -40.22 18.27
N ALA B 55 8.34 -39.16 17.51
CA ALA B 55 8.47 -37.83 18.14
C ALA B 55 7.17 -37.42 18.84
N VAL B 56 6.03 -37.72 18.22
CA VAL B 56 4.76 -37.25 18.77
C VAL B 56 4.20 -38.10 19.94
N ALA B 57 4.74 -39.28 20.18
CA ALA B 57 4.12 -40.26 21.06
C ALA B 57 4.00 -39.78 22.48
N GLU B 58 4.96 -39.02 22.95
CA GLU B 58 4.95 -38.48 24.30
C GLU B 58 4.91 -36.97 24.34
N ALA B 59 4.12 -36.30 23.49
CA ALA B 59 4.10 -34.86 23.41
C ALA B 59 2.73 -34.33 23.83
N ASP B 60 2.73 -33.26 24.60
CA ASP B 60 1.55 -32.47 24.94
C ASP B 60 1.10 -31.57 23.74
N VAL B 61 2.06 -31.14 22.94
CA VAL B 61 1.80 -30.20 21.81
C VAL B 61 2.65 -30.71 20.64
N VAL B 62 2.13 -30.59 19.44
CA VAL B 62 2.81 -30.98 18.19
C VAL B 62 2.75 -29.77 17.27
N ILE B 63 3.91 -29.27 16.90
CA ILE B 63 4.04 -28.21 15.97
C ILE B 63 4.56 -28.75 14.67
N THR B 64 3.96 -28.30 13.58
CA THR B 64 4.37 -28.59 12.24
C THR B 64 4.76 -27.27 11.56
N MET B 65 5.92 -27.33 10.89
CA MET B 65 6.45 -26.24 10.04
C MET B 65 6.90 -26.89 8.73
N LEU B 66 5.97 -27.00 7.79
CA LEU B 66 6.13 -27.80 6.59
C LEU B 66 5.79 -27.02 5.29
N PRO B 67 6.27 -27.52 4.14
CA PRO B 67 6.29 -26.65 2.97
C PRO B 67 5.06 -26.45 2.25
N THR B 68 4.14 -27.44 2.27
CA THR B 68 2.92 -27.42 1.52
C THR B 68 1.83 -28.12 2.23
N GLY B 69 0.62 -27.83 1.77
CA GLY B 69 -0.59 -28.48 2.24
C GLY B 69 -0.59 -30.00 2.15
N GLU B 70 -0.15 -30.50 0.99
CA GLU B 70 0.04 -31.90 0.77
C GLU B 70 0.99 -32.52 1.84
N VAL B 71 2.12 -31.87 2.15
CA VAL B 71 3.06 -32.45 3.15
C VAL B 71 2.41 -32.42 4.55
N VAL B 72 1.66 -31.36 4.87
CA VAL B 72 0.93 -31.30 6.14
C VAL B 72 -0.12 -32.44 6.23
N ARG B 73 -0.89 -32.63 5.20
CA ARG B 73 -1.88 -33.67 5.14
C ARG B 73 -1.24 -35.03 5.40
N ARG B 74 -0.19 -35.33 4.66
CA ARG B 74 0.52 -36.60 4.76
C ARG B 74 1.10 -36.83 6.15
N CYS B 75 1.72 -35.80 6.70
CA CYS B 75 2.25 -35.82 8.04
C CYS B 75 1.11 -36.14 9.06
N TYR B 76 0.00 -35.39 9.02
CA TYR B 76 -1.13 -35.63 9.95
C TYR B 76 -1.62 -37.06 9.81
N THR B 77 -1.77 -37.51 8.57
CA THR B 77 -2.12 -38.92 8.35
C THR B 77 -1.18 -39.92 8.96
N ASP B 78 0.11 -39.66 8.93
N ASP B 78 0.13 -39.69 8.90
CA ASP B 78 1.11 -40.51 9.48
CA ASP B 78 1.10 -40.57 9.52
C ASP B 78 1.19 -40.49 11.00
C ASP B 78 1.05 -40.54 11.03
N VAL B 79 0.81 -39.38 11.64
CA VAL B 79 1.06 -39.24 13.07
C VAL B 79 -0.14 -39.09 14.02
N LEU B 80 -1.32 -38.71 13.52
CA LEU B 80 -2.42 -38.44 14.45
C LEU B 80 -2.78 -39.63 15.33
N ALA B 81 -2.77 -40.83 14.78
CA ALA B 81 -3.06 -42.07 15.56
C ALA B 81 -1.99 -42.39 16.60
N ALA B 82 -0.80 -41.84 16.42
CA ALA B 82 0.29 -42.08 17.35
C ALA B 82 0.26 -41.12 18.55
N ALA B 83 -0.42 -39.98 18.43
CA ALA B 83 -0.41 -38.99 19.48
C ALA B 83 -1.37 -39.42 20.57
N ARG B 84 -1.12 -38.92 21.78
CA ARG B 84 -2.04 -39.15 22.87
C ARG B 84 -3.31 -38.32 22.63
N PRO B 85 -4.49 -38.88 23.02
CA PRO B 85 -5.72 -38.14 22.83
C PRO B 85 -5.71 -36.77 23.45
N ALA B 86 -6.28 -35.81 22.75
CA ALA B 86 -6.37 -34.43 23.16
C ALA B 86 -5.01 -33.72 23.27
N THR B 87 -4.07 -34.23 22.49
CA THR B 87 -2.85 -33.48 22.19
C THR B 87 -3.23 -32.25 21.36
N LEU B 88 -2.50 -31.15 21.59
CA LEU B 88 -2.71 -29.93 20.84
C LEU B 88 -1.78 -29.83 19.64
N PHE B 89 -2.35 -29.83 18.43
CA PHE B 89 -1.60 -29.69 17.19
C PHE B 89 -1.66 -28.20 16.76
N ILE B 90 -0.49 -27.61 16.54
CA ILE B 90 -0.39 -26.27 15.94
C ILE B 90 0.32 -26.37 14.58
N ASP B 91 -0.38 -25.97 13.52
CA ASP B 91 0.25 -25.91 12.19
C ASP B 91 0.65 -24.49 11.89
N SER B 92 1.94 -24.23 11.93
CA SER B 92 2.49 -22.93 11.57
C SER B 92 3.00 -22.88 10.15
N SER B 93 2.80 -23.93 9.34
CA SER B 93 3.01 -23.85 7.91
C SER B 93 2.03 -22.78 7.24
N THR B 94 2.44 -22.31 6.08
CA THR B 94 1.61 -21.49 5.24
C THR B 94 1.04 -22.37 4.12
N ILE B 95 -0.28 -22.60 4.17
CA ILE B 95 -0.96 -23.44 3.24
C ILE B 95 -2.32 -22.86 2.90
N SER B 96 -2.99 -23.46 1.90
CA SER B 96 -4.27 -22.90 1.43
C SER B 96 -5.32 -22.98 2.54
N VAL B 97 -6.29 -22.07 2.51
CA VAL B 97 -7.35 -22.11 3.48
C VAL B 97 -8.11 -23.42 3.42
N THR B 98 -8.31 -23.90 2.20
CA THR B 98 -9.00 -25.19 2.01
C THR B 98 -8.23 -26.30 2.70
N ASP B 99 -6.92 -26.36 2.47
CA ASP B 99 -6.09 -27.39 3.08
C ASP B 99 -6.10 -27.30 4.63
N ALA B 100 -6.01 -26.07 5.15
CA ALA B 100 -6.05 -25.82 6.54
C ALA B 100 -7.30 -26.39 7.22
N ARG B 101 -8.44 -26.07 6.67
CA ARG B 101 -9.66 -26.57 7.19
C ARG B 101 -9.76 -28.11 7.04
N GLU B 102 -9.26 -28.67 5.95
CA GLU B 102 -9.28 -30.12 5.81
C GLU B 102 -8.43 -30.77 6.94
N VAL B 103 -7.21 -30.27 7.17
CA VAL B 103 -6.36 -30.90 8.19
C VAL B 103 -6.83 -30.63 9.63
N HIS B 104 -7.48 -29.50 9.83
CA HIS B 104 -8.10 -29.17 11.06
C HIS B 104 -9.19 -30.21 11.38
N ALA B 105 -10.05 -30.47 10.44
CA ALA B 105 -11.10 -31.47 10.63
C ALA B 105 -10.54 -32.86 10.88
N LEU B 106 -9.45 -33.15 10.19
CA LEU B 106 -8.80 -34.43 10.32
C LEU B 106 -8.23 -34.61 11.71
N ALA B 107 -7.54 -33.59 12.19
CA ALA B 107 -7.03 -33.61 13.55
C ALA B 107 -8.15 -33.79 14.60
N GLU B 108 -9.23 -33.00 14.49
CA GLU B 108 -10.32 -33.14 15.39
C GLU B 108 -11.05 -34.49 15.35
N SER B 109 -11.11 -35.12 14.18
CA SER B 109 -11.75 -36.43 14.05
C SER B 109 -10.92 -37.50 14.76
N HIS B 110 -9.63 -37.21 14.98
CA HIS B 110 -8.75 -38.11 15.73
C HIS B 110 -8.69 -37.72 17.22
N GLY B 111 -9.51 -36.82 17.68
CA GLY B 111 -9.54 -36.45 19.09
C GLY B 111 -8.51 -35.40 19.49
N MET B 112 -7.93 -34.68 18.52
CA MET B 112 -6.85 -33.71 18.80
C MET B 112 -7.35 -32.28 18.66
N LEU B 113 -6.81 -31.40 19.49
CA LEU B 113 -7.08 -30.00 19.38
C LEU B 113 -6.22 -29.48 18.24
N GLN B 114 -6.69 -28.48 17.48
CA GLN B 114 -5.85 -27.98 16.37
C GLN B 114 -6.01 -26.52 16.08
N LEU B 115 -4.92 -25.80 15.88
CA LEU B 115 -4.95 -24.42 15.41
C LEU B 115 -4.17 -24.29 14.13
N ASP B 116 -4.58 -23.39 13.24
CA ASP B 116 -3.67 -22.90 12.22
C ASP B 116 -2.98 -21.65 12.76
N ALA B 117 -1.67 -21.58 12.66
CA ALA B 117 -0.94 -20.42 13.13
C ALA B 117 0.24 -20.10 12.23
N PRO B 118 -0.02 -19.75 10.98
CA PRO B 118 1.05 -19.36 10.10
C PRO B 118 1.74 -18.08 10.57
N VAL B 119 2.98 -17.92 10.17
CA VAL B 119 3.81 -16.84 10.74
C VAL B 119 4.31 -15.91 9.69
N SER B 120 4.55 -14.66 10.09
CA SER B 120 5.35 -13.76 9.26
C SER B 120 6.60 -13.25 10.05
N GLY B 121 7.64 -12.88 9.29
CA GLY B 121 8.87 -12.38 9.85
C GLY B 121 10.10 -13.08 9.35
N GLY B 122 9.92 -14.24 8.71
CA GLY B 122 10.99 -14.95 8.04
C GLY B 122 11.98 -15.53 9.03
N VAL B 123 13.11 -15.92 8.51
CA VAL B 123 14.19 -16.51 9.34
C VAL B 123 14.77 -15.58 10.38
N LYS B 124 14.89 -14.30 10.10
CA LYS B 124 15.41 -13.39 11.09
C LYS B 124 14.43 -13.20 12.21
N GLY B 125 13.15 -13.17 11.87
CA GLY B 125 12.13 -13.06 12.90
C GLY B 125 12.11 -14.32 13.74
N ALA B 126 12.27 -15.46 13.06
CA ALA B 126 12.29 -16.77 13.72
C ALA B 126 13.44 -16.84 14.75
N ALA B 127 14.62 -16.40 14.37
CA ALA B 127 15.77 -16.47 15.26
C ALA B 127 15.65 -15.52 16.45
N ALA B 128 15.13 -14.30 16.18
CA ALA B 128 14.92 -13.28 17.20
C ALA B 128 13.68 -13.48 18.05
N ALA B 129 12.84 -14.49 17.75
CA ALA B 129 11.58 -14.71 18.49
C ALA B 129 10.64 -13.44 18.40
N THR B 130 10.61 -12.83 17.23
CA THR B 130 9.72 -11.69 16.91
C THR B 130 8.73 -11.99 15.80
N LEU B 131 8.47 -13.27 15.54
CA LEU B 131 7.46 -13.69 14.57
C LEU B 131 6.05 -13.20 14.91
N ALA B 132 5.26 -12.88 13.89
CA ALA B 132 3.83 -12.70 14.12
C ALA B 132 3.09 -13.97 13.79
N PHE B 133 2.34 -14.49 14.74
CA PHE B 133 1.46 -15.66 14.56
C PHE B 133 0.04 -15.18 14.34
N MET B 134 -0.57 -15.62 13.25
CA MET B 134 -1.96 -15.29 12.91
C MET B 134 -2.74 -16.56 13.06
N VAL B 135 -3.65 -16.61 14.02
CA VAL B 135 -4.19 -17.86 14.55
C VAL B 135 -5.64 -18.01 14.19
N GLY B 136 -5.98 -19.21 13.74
CA GLY B 136 -7.33 -19.63 13.52
C GLY B 136 -7.66 -20.82 14.40
N GLY B 137 -8.87 -20.81 14.99
CA GLY B 137 -9.41 -21.91 15.77
C GLY B 137 -10.06 -21.38 17.00
N ASP B 138 -10.25 -22.21 18.00
CA ASP B 138 -11.02 -21.82 19.22
C ASP B 138 -10.27 -20.93 20.15
N GLU B 139 -10.96 -19.98 20.78
CA GLU B 139 -10.36 -19.09 21.79
C GLU B 139 -9.70 -19.86 22.91
N SER B 140 -10.37 -20.89 23.38
CA SER B 140 -9.86 -21.65 24.50
C SER B 140 -8.60 -22.49 24.12
N THR B 141 -8.58 -23.07 22.94
CA THR B 141 -7.38 -23.72 22.44
C THR B 141 -6.17 -22.74 22.36
N LEU B 142 -6.40 -21.52 21.86
CA LEU B 142 -5.33 -20.55 21.79
C LEU B 142 -4.84 -20.16 23.19
N ARG B 143 -5.78 -20.06 24.14
CA ARG B 143 -5.41 -19.86 25.56
C ARG B 143 -4.47 -20.97 26.02
N ARG B 144 -4.85 -22.22 25.77
CA ARG B 144 -3.94 -23.35 26.05
C ARG B 144 -2.53 -23.22 25.35
N ALA B 145 -2.53 -22.75 24.11
CA ALA B 145 -1.31 -22.66 23.29
C ALA B 145 -0.39 -21.45 23.57
N ARG B 146 -0.95 -20.40 24.15
CA ARG B 146 -0.19 -19.16 24.37
C ARG B 146 1.19 -19.32 25.02
N PRO B 147 1.28 -20.01 26.17
CA PRO B 147 2.65 -20.26 26.74
C PRO B 147 3.69 -20.89 25.79
N VAL B 148 3.27 -21.76 24.86
CA VAL B 148 4.16 -22.31 23.84
C VAL B 148 4.52 -21.36 22.71
N LEU B 149 3.55 -20.57 22.25
CA LEU B 149 3.78 -19.58 21.19
C LEU B 149 4.62 -18.39 21.64
N GLU B 150 4.44 -17.94 22.89
CA GLU B 150 5.12 -16.71 23.37
C GLU B 150 6.63 -16.71 23.22
N PRO B 151 7.34 -17.81 23.53
CA PRO B 151 8.77 -17.72 23.33
C PRO B 151 9.27 -17.68 21.91
N MET B 152 8.39 -17.86 20.93
CA MET B 152 8.75 -17.71 19.52
C MET B 152 8.27 -16.38 18.90
N ALA B 153 7.44 -15.63 19.63
CA ALA B 153 6.57 -14.64 19.05
C ALA B 153 6.83 -13.21 19.50
N GLY B 154 6.73 -12.29 18.57
CA GLY B 154 6.58 -10.86 18.90
C GLY B 154 5.08 -10.46 18.92
N LYS B 155 4.22 -11.15 18.18
CA LYS B 155 2.76 -10.86 18.12
C LYS B 155 1.98 -12.19 17.92
N ILE B 156 0.86 -12.28 18.61
CA ILE B 156 -0.06 -13.39 18.47
C ILE B 156 -1.38 -12.74 18.25
N ILE B 157 -2.00 -13.01 17.13
CA ILE B 157 -3.33 -12.42 16.93
C ILE B 157 -4.31 -13.45 16.56
N HIS B 158 -5.43 -13.49 17.25
CA HIS B 158 -6.48 -14.43 16.96
C HIS B 158 -7.36 -13.89 15.82
N CYS B 159 -7.42 -14.63 14.72
CA CYS B 159 -8.06 -14.12 13.53
C CYS B 159 -9.52 -14.61 13.32
N GLY B 160 -9.95 -15.64 14.02
CA GLY B 160 -11.26 -16.21 13.83
C GLY B 160 -11.18 -17.75 13.93
N ALA B 161 -12.13 -18.41 13.27
CA ALA B 161 -12.24 -19.89 13.31
C ALA B 161 -11.18 -20.58 12.44
N ALA B 162 -11.14 -21.92 12.47
CA ALA B 162 -10.10 -22.65 11.79
C ALA B 162 -10.04 -22.21 10.30
N GLY B 163 -8.82 -21.95 9.85
CA GLY B 163 -8.58 -21.40 8.55
C GLY B 163 -8.31 -19.87 8.50
N ALA B 164 -8.77 -19.12 9.49
CA ALA B 164 -8.72 -17.66 9.49
C ALA B 164 -7.32 -17.10 9.61
N GLY B 165 -6.41 -17.88 10.22
CA GLY B 165 -5.03 -17.51 10.26
C GLY B 165 -4.50 -17.44 8.86
N GLN B 166 -4.61 -18.58 8.18
CA GLN B 166 -4.18 -18.70 6.79
C GLN B 166 -4.82 -17.62 5.93
N ALA B 167 -6.12 -17.39 6.14
CA ALA B 167 -6.85 -16.37 5.35
C ALA B 167 -6.30 -14.93 5.53
N ALA B 168 -6.02 -14.60 6.78
CA ALA B 168 -5.55 -13.29 7.09
C ALA B 168 -4.15 -13.07 6.46
N LYS B 169 -3.30 -14.07 6.62
CA LYS B 169 -1.98 -14.00 6.04
C LYS B 169 -2.04 -13.81 4.51
N VAL B 170 -2.87 -14.57 3.85
CA VAL B 170 -2.83 -14.63 2.41
C VAL B 170 -3.48 -13.35 1.83
N CYS B 171 -4.47 -12.80 2.53
CA CYS B 171 -5.02 -11.51 2.15
C CYS B 171 -3.99 -10.40 2.33
N ASN B 172 -3.30 -10.33 3.48
CA ASN B 172 -2.26 -9.32 3.69
C ASN B 172 -1.17 -9.45 2.62
N ASN B 173 -0.74 -10.68 2.34
CA ASN B 173 0.40 -10.86 1.40
C ASN B 173 0.05 -10.53 -0.06
N MET B 174 -1.20 -10.75 -0.44
CA MET B 174 -1.69 -10.36 -1.75
C MET B 174 -1.60 -8.82 -1.90
N VAL B 175 -2.14 -8.12 -0.93
CA VAL B 175 -2.04 -6.68 -0.87
C VAL B 175 -0.57 -6.20 -0.95
N LEU B 176 0.29 -6.83 -0.16
CA LEU B 176 1.71 -6.52 -0.25
C LEU B 176 2.35 -6.67 -1.62
N ALA B 177 2.04 -7.75 -2.32
CA ALA B 177 2.53 -7.99 -3.62
C ALA B 177 2.08 -6.93 -4.59
N VAL B 178 0.83 -6.54 -4.53
CA VAL B 178 0.33 -5.49 -5.40
C VAL B 178 1.05 -4.17 -5.09
N GLN B 179 1.19 -3.87 -3.81
CA GLN B 179 1.85 -2.63 -3.39
C GLN B 179 3.32 -2.55 -3.80
N GLN B 180 4.02 -3.66 -3.73
CA GLN B 180 5.44 -3.71 -4.08
C GLN B 180 5.65 -3.45 -5.58
N ILE B 181 4.75 -3.99 -6.37
CA ILE B 181 4.73 -3.70 -7.83
C ILE B 181 4.39 -2.21 -8.13
N ALA B 182 3.35 -1.70 -7.46
CA ALA B 182 2.93 -0.35 -7.66
C ALA B 182 3.97 0.65 -7.28
N ILE B 183 4.70 0.40 -6.20
CA ILE B 183 5.82 1.22 -5.77
C ILE B 183 6.92 1.18 -6.80
N ALA B 184 7.20 0.00 -7.35
CA ALA B 184 8.23 -0.11 -8.37
C ALA B 184 7.84 0.69 -9.63
N GLU B 185 6.58 0.56 -10.06
CA GLU B 185 6.08 1.32 -11.18
C GLU B 185 6.21 2.84 -10.97
N ALA B 186 5.85 3.31 -9.78
CA ALA B 186 5.99 4.72 -9.47
C ALA B 186 7.45 5.20 -9.55
N PHE B 187 8.41 4.42 -8.99
CA PHE B 187 9.76 4.86 -9.00
C PHE B 187 10.34 4.90 -10.42
N VAL B 188 9.97 3.93 -11.28
CA VAL B 188 10.44 3.93 -12.66
C VAL B 188 9.86 5.07 -13.45
N LEU B 189 8.57 5.34 -13.24
CA LEU B 189 7.87 6.43 -13.90
C LEU B 189 8.51 7.74 -13.51
N ALA B 190 8.76 7.92 -12.22
CA ALA B 190 9.46 9.09 -11.70
C ALA B 190 10.78 9.28 -12.41
N GLU B 191 11.59 8.23 -12.50
CA GLU B 191 12.88 8.33 -13.14
C GLU B 191 12.68 8.78 -14.58
N LYS B 192 11.69 8.27 -15.26
CA LYS B 192 11.50 8.69 -16.66
C LYS B 192 10.97 10.16 -16.77
N LEU B 193 10.31 10.65 -15.73
CA LEU B 193 9.79 11.99 -15.73
C LEU B 193 10.82 12.99 -15.26
N GLY B 194 12.01 12.55 -14.89
CA GLY B 194 13.02 13.36 -14.21
C GLY B 194 12.77 13.72 -12.74
N LEU B 195 11.90 12.99 -12.04
CA LEU B 195 11.70 13.22 -10.63
C LEU B 195 12.73 12.33 -9.87
N SER B 196 13.56 12.85 -8.96
CA SER B 196 14.54 11.97 -8.23
C SER B 196 13.89 10.93 -7.30
N ALA B 197 14.63 9.84 -7.08
CA ALA B 197 14.18 8.74 -6.25
C ALA B 197 13.99 9.27 -4.86
N GLN B 198 14.94 10.08 -4.38
CA GLN B 198 14.81 10.65 -3.05
C GLN B 198 13.60 11.53 -2.92
N SER B 199 13.29 12.32 -3.95
CA SER B 199 12.12 13.23 -3.85
C SER B 199 10.82 12.46 -3.87
N LEU B 200 10.72 11.48 -4.77
CA LEU B 200 9.53 10.64 -4.77
C LEU B 200 9.37 9.91 -3.44
N PHE B 201 10.44 9.37 -2.88
CA PHE B 201 10.39 8.73 -1.57
C PHE B 201 9.82 9.65 -0.51
N ASP B 202 10.34 10.86 -0.47
CA ASP B 202 9.93 11.85 0.52
C ASP B 202 8.46 12.16 0.38
N VAL B 203 8.00 12.29 -0.86
CA VAL B 203 6.58 12.55 -1.07
C VAL B 203 5.62 11.45 -0.65
N ILE B 204 5.83 10.28 -1.20
CA ILE B 204 4.96 9.15 -0.98
C ILE B 204 4.92 8.80 0.46
N THR B 205 6.09 8.75 1.08
CA THR B 205 6.14 8.40 2.53
C THR B 205 5.48 9.43 3.39
N GLY B 206 5.41 10.68 2.93
CA GLY B 206 4.66 11.76 3.68
C GLY B 206 3.20 11.88 3.27
N ALA B 207 2.73 11.05 2.34
CA ALA B 207 1.41 11.19 1.73
C ALA B 207 0.55 9.88 1.87
N THR B 208 -0.53 9.81 1.12
CA THR B 208 -1.49 8.71 1.26
C THR B 208 -1.00 7.39 0.66
N GLY B 209 0.04 7.45 -0.17
CA GLY B 209 0.56 6.26 -0.76
C GLY B 209 1.59 5.48 0.08
N ASN B 210 1.90 5.97 1.28
CA ASN B 210 2.90 5.38 2.11
C ASN B 210 2.54 3.94 2.47
N CYS B 211 3.56 3.08 2.46
CA CYS B 211 3.40 1.66 2.89
C CYS B 211 4.79 1.04 3.03
N TRP B 212 4.84 -0.10 3.72
CA TRP B 212 6.06 -0.85 3.95
C TRP B 212 6.89 -1.08 2.73
N ALA B 213 6.25 -1.36 1.57
CA ALA B 213 6.97 -1.58 0.34
C ALA B 213 7.83 -0.38 -0.10
N VAL B 214 7.46 0.82 0.34
CA VAL B 214 8.34 1.94 0.13
C VAL B 214 9.13 2.28 1.34
N HIS B 215 8.48 2.42 2.50
CA HIS B 215 9.21 2.94 3.66
C HIS B 215 10.29 2.00 4.22
N THR B 216 10.09 0.69 4.07
CA THR B 216 11.04 -0.29 4.53
C THR B 216 11.73 -0.99 3.37
N ASN B 217 11.00 -1.31 2.31
CA ASN B 217 11.47 -2.19 1.23
C ASN B 217 11.77 -1.43 -0.06
N CYS B 218 12.01 -0.08 0.07
CA CYS B 218 12.27 0.80 -1.09
C CYS B 218 13.07 0.11 -2.21
N PRO B 219 12.48 0.01 -3.38
CA PRO B 219 13.15 -0.80 -4.41
C PRO B 219 14.23 -0.09 -5.25
N VAL B 220 14.65 1.12 -4.87
CA VAL B 220 15.80 1.79 -5.52
C VAL B 220 16.79 2.05 -4.43
N PRO B 221 18.11 1.97 -4.75
CA PRO B 221 19.09 2.15 -3.71
C PRO B 221 19.14 3.61 -3.35
N GLY B 222 19.30 3.88 -2.08
CA GLY B 222 19.61 5.21 -1.61
C GLY B 222 18.71 5.65 -0.48
N PRO B 223 17.42 5.84 -0.74
CA PRO B 223 16.59 6.41 0.33
C PRO B 223 16.44 5.60 1.61
N VAL B 224 16.50 4.26 1.51
CA VAL B 224 16.41 3.43 2.71
C VAL B 224 17.64 2.46 2.69
N PRO B 225 18.76 2.89 3.23
CA PRO B 225 19.99 2.12 3.08
C PRO B 225 19.94 0.63 3.54
N THR B 226 18.98 0.30 4.40
CA THR B 226 18.78 -1.08 4.84
C THR B 226 17.94 -1.97 3.93
N SER B 227 17.32 -1.39 2.87
CA SER B 227 16.42 -2.13 1.99
C SER B 227 17.26 -3.01 1.05
N PRO B 228 16.67 -4.10 0.52
CA PRO B 228 17.40 -5.06 -0.33
C PRO B 228 18.00 -4.47 -1.59
N ALA B 229 17.42 -3.39 -2.13
CA ALA B 229 17.98 -2.75 -3.33
C ALA B 229 19.42 -2.30 -3.12
N ASN B 230 19.81 -2.05 -1.87
CA ASN B 230 21.16 -1.62 -1.54
C ASN B 230 22.11 -2.83 -1.31
N ASN B 231 21.61 -4.07 -1.46
CA ASN B 231 22.39 -5.23 -1.15
C ASN B 231 22.19 -6.25 -2.17
N ASP B 232 22.27 -5.82 -3.44
CA ASP B 232 22.05 -6.67 -4.61
C ASP B 232 20.73 -7.44 -4.65
N PHE B 233 19.68 -6.89 -4.06
CA PHE B 233 18.43 -7.57 -3.83
C PHE B 233 18.53 -8.96 -3.18
N LYS B 234 19.43 -9.11 -2.24
CA LYS B 234 19.41 -10.31 -1.42
C LYS B 234 18.18 -10.28 -0.54
N PRO B 235 17.45 -11.44 -0.42
CA PRO B 235 16.29 -11.45 0.47
C PRO B 235 16.77 -11.30 1.91
N GLY B 236 16.01 -10.70 2.81
CA GLY B 236 14.69 -10.14 2.57
C GLY B 236 13.63 -11.27 2.47
N PHE B 237 12.67 -11.05 1.59
CA PHE B 237 11.55 -11.93 1.34
C PHE B 237 11.68 -12.32 -0.14
N SER B 238 12.07 -13.56 -0.38
CA SER B 238 12.40 -13.96 -1.74
C SER B 238 11.19 -13.98 -2.66
N THR B 239 11.47 -13.82 -3.94
CA THR B 239 10.46 -13.96 -4.97
C THR B 239 9.84 -15.36 -4.96
N ALA B 240 10.64 -16.38 -4.66
CA ALA B 240 10.11 -17.72 -4.52
C ALA B 240 9.01 -17.76 -3.48
N LEU B 241 9.26 -17.18 -2.32
CA LEU B 241 8.28 -17.22 -1.26
C LEU B 241 7.04 -16.37 -1.57
N MET B 242 7.21 -15.17 -2.12
CA MET B 242 6.03 -14.36 -2.55
C MET B 242 5.20 -15.05 -3.62
N ASN B 243 5.86 -15.69 -4.56
CA ASN B 243 5.19 -16.47 -5.57
C ASN B 243 4.40 -17.64 -4.95
N LYS B 244 4.96 -18.31 -3.97
CA LYS B 244 4.18 -19.35 -3.27
C LYS B 244 2.91 -18.77 -2.61
N ASP B 245 3.02 -17.65 -1.93
CA ASP B 245 1.84 -17.03 -1.25
C ASP B 245 0.82 -16.53 -2.22
N LEU B 246 1.30 -16.04 -3.33
CA LEU B 246 0.44 -15.56 -4.38
C LEU B 246 -0.37 -16.73 -4.96
N GLY B 247 0.27 -17.89 -5.09
CA GLY B 247 -0.35 -19.15 -5.51
C GLY B 247 -1.48 -19.51 -4.53
N LEU B 248 -1.19 -19.42 -3.25
CA LEU B 248 -2.17 -19.62 -2.22
C LEU B 248 -3.30 -18.58 -2.34
N ALA B 249 -2.97 -17.34 -2.63
CA ALA B 249 -4.05 -16.34 -2.82
C ALA B 249 -4.97 -16.71 -4.05
N MET B 250 -4.37 -17.17 -5.15
CA MET B 250 -5.11 -17.55 -6.34
C MET B 250 -5.95 -18.82 -6.04
N ASP B 251 -5.44 -19.72 -5.19
CA ASP B 251 -6.26 -20.87 -4.71
C ASP B 251 -7.45 -20.38 -3.93
N ALA B 252 -7.25 -19.43 -3.01
CA ALA B 252 -8.35 -18.86 -2.24
C ALA B 252 -9.43 -18.15 -3.18
N VAL B 253 -8.94 -17.43 -4.19
CA VAL B 253 -9.77 -16.76 -5.21
C VAL B 253 -10.59 -17.78 -5.95
N ALA B 254 -9.96 -18.86 -6.38
CA ALA B 254 -10.63 -19.85 -7.16
C ALA B 254 -11.60 -20.63 -6.29
N ALA B 255 -11.28 -20.89 -5.04
CA ALA B 255 -12.19 -21.64 -4.21
C ALA B 255 -13.45 -20.86 -3.82
N THR B 256 -13.35 -19.55 -3.69
CA THR B 256 -14.45 -18.70 -3.34
C THR B 256 -15.20 -18.08 -4.53
N GLY B 257 -14.65 -18.11 -5.74
CA GLY B 257 -15.16 -17.31 -6.83
C GLY B 257 -15.05 -15.78 -6.70
N ALA B 258 -14.14 -15.31 -5.84
CA ALA B 258 -13.93 -13.91 -5.62
C ALA B 258 -13.35 -13.32 -6.89
N THR B 259 -13.47 -12.01 -7.01
CA THR B 259 -12.88 -11.28 -8.09
C THR B 259 -11.74 -10.46 -7.49
N ALA B 260 -10.54 -10.67 -7.97
CA ALA B 260 -9.37 -9.97 -7.49
C ALA B 260 -8.48 -9.57 -8.66
N PRO B 261 -8.87 -8.48 -9.37
CA PRO B 261 -8.19 -8.19 -10.60
C PRO B 261 -6.74 -7.84 -10.42
N LEU B 262 -6.38 -6.98 -9.45
CA LEU B 262 -5.01 -6.60 -9.32
C LEU B 262 -4.20 -7.67 -8.61
N GLY B 263 -4.82 -8.36 -7.67
CA GLY B 263 -4.14 -9.49 -7.00
C GLY B 263 -3.79 -10.60 -7.96
N SER B 264 -4.72 -10.93 -8.84
CA SER B 264 -4.45 -11.90 -9.94
C SER B 264 -3.41 -11.43 -10.96
N HIS B 265 -3.46 -10.14 -11.26
CA HIS B 265 -2.47 -9.57 -12.17
C HIS B 265 -1.08 -9.63 -11.50
N ALA B 266 -1.04 -9.30 -10.20
CA ALA B 266 0.19 -9.39 -9.48
C ALA B 266 0.71 -10.84 -9.41
N ALA B 267 -0.18 -11.82 -9.28
CA ALA B 267 0.22 -13.22 -9.29
C ALA B 267 0.88 -13.61 -10.62
N ASP B 268 0.33 -13.12 -11.72
N ASP B 268 0.33 -13.13 -11.73
CA ASP B 268 0.88 -13.44 -13.03
CA ASP B 268 0.90 -13.45 -13.05
C ASP B 268 2.27 -12.85 -13.19
C ASP B 268 2.29 -12.85 -13.18
N ILE B 269 2.43 -11.58 -12.81
CA ILE B 269 3.74 -10.90 -12.84
C ILE B 269 4.79 -11.61 -11.99
N TYR B 270 4.43 -11.99 -10.76
CA TYR B 270 5.39 -12.72 -9.88
C TYR B 270 5.71 -14.14 -10.33
N ALA B 271 4.73 -14.79 -10.93
CA ALA B 271 4.97 -16.15 -11.47
C ALA B 271 5.96 -16.08 -12.63
N LYS B 272 5.85 -15.10 -13.50
CA LYS B 272 6.89 -14.89 -14.52
C LYS B 272 8.25 -14.51 -13.99
N PHE B 273 8.31 -13.55 -13.07
CA PHE B 273 9.57 -13.11 -12.50
C PHE B 273 10.24 -14.28 -11.77
N ALA B 274 9.46 -15.12 -11.07
CA ALA B 274 9.99 -16.26 -10.32
C ALA B 274 10.69 -17.29 -11.19
N ALA B 275 10.32 -17.41 -12.48
CA ALA B 275 10.95 -18.38 -13.38
C ALA B 275 12.46 -18.17 -13.41
N ASP B 276 12.92 -16.92 -13.50
CA ASP B 276 14.39 -16.68 -13.47
C ASP B 276 14.97 -15.99 -12.25
N HIS B 277 14.16 -15.44 -11.35
CA HIS B 277 14.70 -14.62 -10.29
C HIS B 277 14.12 -14.98 -8.97
N ALA B 278 13.91 -16.28 -8.79
CA ALA B 278 13.29 -16.81 -7.56
C ALA B 278 14.10 -16.46 -6.32
N ASP B 279 15.42 -16.36 -6.54
N ASP B 279 15.43 -16.38 -6.46
CA ASP B 279 16.41 -16.14 -5.52
CA ASP B 279 16.30 -16.13 -5.32
C ASP B 279 16.49 -14.67 -5.06
C ASP B 279 16.52 -14.64 -5.04
N LEU B 280 15.90 -13.72 -5.79
CA LEU B 280 16.04 -12.29 -5.46
C LEU B 280 14.88 -11.85 -4.55
N ASP B 281 15.13 -10.88 -3.71
CA ASP B 281 14.04 -10.24 -2.97
C ASP B 281 12.88 -9.87 -3.92
N PHE B 282 11.66 -10.02 -3.47
CA PHE B 282 10.51 -9.66 -4.29
C PHE B 282 10.45 -8.19 -4.71
N SER B 283 11.16 -7.30 -4.03
CA SER B 283 11.29 -5.90 -4.53
C SER B 283 11.97 -5.82 -5.92
N ALA B 284 12.70 -6.87 -6.31
CA ALA B 284 13.50 -6.89 -7.53
C ALA B 284 12.67 -6.92 -8.77
N VAL B 285 11.38 -7.16 -8.61
CA VAL B 285 10.43 -7.04 -9.70
C VAL B 285 10.56 -5.71 -10.46
N ILE B 286 11.09 -4.66 -9.79
CA ILE B 286 11.40 -3.38 -10.45
C ILE B 286 12.17 -3.58 -11.78
N HIS B 287 13.04 -4.60 -11.83
CA HIS B 287 13.81 -4.92 -13.02
C HIS B 287 12.97 -5.15 -14.27
N THR B 288 11.80 -5.73 -14.13
CA THR B 288 10.94 -6.01 -15.26
C THR B 288 10.31 -4.75 -15.88
N LEU B 289 10.36 -3.59 -15.19
CA LEU B 289 9.75 -2.35 -15.68
C LEU B 289 10.75 -1.44 -16.38
N ARG B 290 12.02 -1.85 -16.42
CA ARG B 290 13.06 -1.10 -17.10
C ARG B 290 13.61 -1.85 -18.29
N ALA B 291 14.03 -1.12 -19.31
CA ALA B 291 14.77 -1.71 -20.46
C ALA B 291 16.28 -1.88 -20.20
CA AKR C . 6.66 42.16 -8.44
CB AKR C . 8.00 42.01 -8.31
C AKR C . 6.01 42.19 -9.79
O AKR C . 6.73 42.07 -10.75
OXT AKR C . 4.78 42.28 -10.08
C1 GOL D . -8.37 41.91 0.11
O1 GOL D . -8.68 41.43 -1.22
C2 GOL D . -8.65 43.41 0.08
O2 GOL D . -7.83 44.03 -0.94
C3 GOL D . -8.45 44.17 1.41
O3 GOL D . -8.60 45.65 1.21
O12 9ON E . 5.32 24.54 6.85
C7 9ON E . 4.18 24.47 6.35
O10 9ON E . 3.93 24.20 5.18
C4 9ON E . 2.96 24.86 7.18
C5 9ON E . 2.97 24.15 8.54
C3 9ON E . 2.98 26.38 7.35
C2 9ON E . 1.88 27.02 6.57
C1 9ON E . 0.71 27.53 7.43
O8 9ON E . -0.37 26.98 7.17
O9 9ON E . 0.90 28.52 8.24
CA AKR F . 8.82 -9.51 5.80
CB AKR F . 7.94 -9.76 4.85
C AKR F . 8.38 -9.31 7.20
O AKR F . 9.23 -8.91 8.07
OXT AKR F . 7.17 -9.52 7.46
C1 GOL G . 7.90 -34.31 6.73
O1 GOL G . 8.77 -33.25 6.23
C2 GOL G . 7.66 -34.03 8.21
O2 GOL G . 8.82 -33.41 8.84
C3 GOL G . 7.17 -35.25 8.95
O3 GOL G . 6.11 -35.88 8.19
C1 GOL H . -2.70 -37.01 26.75
O1 GOL H . -4.03 -37.70 26.69
C2 GOL H . -2.47 -35.47 26.99
O2 GOL H . -3.64 -34.83 27.59
C3 GOL H . -2.06 -34.71 25.66
O3 GOL H . -0.83 -35.17 25.08
O12 9ON I . 2.98 -10.45 23.56
C7 9ON I . 2.71 -11.61 23.16
O10 9ON I . 1.56 -12.07 22.93
C4 9ON I . 3.88 -12.50 22.80
C5 9ON I . 4.17 -12.05 21.41
C3 9ON I . 5.10 -12.29 23.76
C2 9ON I . 6.27 -13.26 23.47
C1 9ON I . 7.72 -12.59 23.11
O8 9ON I . 8.53 -13.38 22.49
O9 9ON I . 8.09 -11.39 23.54
#